data_6OGN
#
_entry.id   6OGN
#
_cell.length_a   97.813
_cell.length_b   97.813
_cell.length_c   169.539
_cell.angle_alpha   90.00
_cell.angle_beta   90.00
_cell.angle_gamma   90.00
#
_symmetry.space_group_name_H-M   'P 43 21 2'
#
loop_
_entity.id
_entity.type
_entity.pdbx_description
1 polymer 'Protein arginine N-methyltransferase 7'
2 non-polymer 'ZINC ION'
3 non-polymer "5'-S-(4-{[(4'-chloro[1,1'-biphenyl]-3-yl)methyl]amino}butyl)-5'-thioadenosine"
4 non-polymer 'UNKNOWN ATOM OR ION'
5 water water
#
_entity_poly.entity_id   1
_entity_poly.type   'polypeptide(L)'
_entity_poly.pdbx_seq_one_letter_code
;MKVFCGRANPTTGSLEWLEEDEHYDYHQEIARSSYADMLHDKDRNIKYYQGIRAAVSRVKDRGQKALVLDIGTGTGLLSM
MAVTAGADFCYAIEVFKPMAEAAVKIVERNGFSDKIKVINKHSTEVTVGPDGDLPCRANILITELFDTELIGEGALPSYE
HAHKHLVQEDCEAVPHRATVYAQLVESRRMWSWNKLFPVRVRTSLGEQVIVPPSELERCPGAPSVCDIQLNQVSPADFTV
LSDVLPMFSVDFSKQVSSSAACHSRQFVPLASGQAQVVLSWWDIEMDPEGKIKCTMAPFWAQTDPQELQWRDHWMQCVYF
LPQEEPVVQGSPRCLVAHHDDYCVWYSLQRTSPDENDSAYQVRPVCDCQAHLLWNRPRFGEINDQDRTDHYAQALRTVLL
PGSVCLCVSDGSLLSMLAHHLGAEQVFTVESSVASYRLMKRIFKVNHLEDKISVINKRPELLTAADLEGKKVSLLLGEPF
FTTSLLPWHNLYFWYVRTSVDQHLAPGAVVMPQAASLHAVIVEFRDLWRIRSPCGDCEGFDVHIMDDMIKHSLDFRESRE
AEPHPLWEYPCRSLSKPQEILTFDFQQPIPQQPMQSKGTMELTRPGKSHGAVLWMEYQLTPDSTISTGLINPAEDKGDCC
WNPHCKQAVYFLSTTLDLRVPLNGPRSVSYVVEFHPLTGDITMEFRLADTLS
;
_entity_poly.pdbx_strand_id   A
#
# COMPACT_ATOMS: atom_id res chain seq x y z
N SER A 34 -4.87 -0.03 13.28
CA SER A 34 -4.49 -1.38 12.77
C SER A 34 -5.43 -2.45 13.36
N TYR A 35 -5.74 -2.33 14.66
CA TYR A 35 -6.40 -3.37 15.51
C TYR A 35 -7.93 -3.19 15.47
N ALA A 36 -8.41 -2.22 14.69
CA ALA A 36 -9.84 -2.02 14.38
C ALA A 36 -10.31 -3.05 13.34
N ASP A 37 -9.40 -3.51 12.46
CA ASP A 37 -9.68 -4.49 11.39
C ASP A 37 -9.78 -5.91 12.00
N MET A 38 -8.96 -6.21 13.02
CA MET A 38 -8.84 -7.57 13.67
C MET A 38 -10.21 -8.04 14.20
N LEU A 39 -11.05 -7.10 14.68
CA LEU A 39 -12.36 -7.36 15.33
C LEU A 39 -13.49 -7.52 14.29
N HIS A 40 -13.48 -6.72 13.22
CA HIS A 40 -14.54 -6.72 12.17
C HIS A 40 -14.47 -8.01 11.36
N ASP A 41 -13.37 -8.79 11.50
CA ASP A 41 -13.13 -10.04 10.73
C ASP A 41 -13.76 -11.22 11.48
N LYS A 42 -15.06 -11.41 11.30
CA LYS A 42 -15.85 -12.48 11.94
C LYS A 42 -15.27 -13.84 11.53
N ASP A 43 -14.99 -14.07 10.24
CA ASP A 43 -14.44 -15.37 9.73
C ASP A 43 -13.16 -15.70 10.52
N ARG A 44 -12.23 -14.75 10.65
CA ARG A 44 -10.97 -14.91 11.45
C ARG A 44 -11.36 -15.30 12.89
N ASN A 45 -12.23 -14.54 13.54
CA ASN A 45 -12.58 -14.72 14.97
C ASN A 45 -13.25 -16.07 15.21
N ILE A 46 -14.24 -16.42 14.38
CA ILE A 46 -15.02 -17.68 14.47
C ILE A 46 -14.07 -18.88 14.32
N LYS A 47 -13.04 -18.75 13.49
CA LYS A 47 -12.12 -19.87 13.17
C LYS A 47 -11.11 -20.01 14.31
N TYR A 48 -10.53 -18.91 14.79
CA TYR A 48 -9.71 -18.90 16.03
C TYR A 48 -10.53 -19.54 17.16
N TYR A 49 -11.80 -19.17 17.28
CA TYR A 49 -12.65 -19.65 18.40
C TYR A 49 -12.83 -21.16 18.28
N GLN A 50 -13.07 -21.66 17.07
CA GLN A 50 -13.22 -23.12 16.83
C GLN A 50 -11.88 -23.80 17.12
N GLY A 51 -10.77 -23.26 16.62
CA GLY A 51 -9.44 -23.83 16.89
C GLY A 51 -9.13 -23.91 18.40
N ILE A 52 -9.39 -22.83 19.12
CA ILE A 52 -9.07 -22.71 20.57
C ILE A 52 -9.91 -23.73 21.34
N ARG A 53 -11.21 -23.86 21.01
CA ARG A 53 -12.10 -24.84 21.69
C ARG A 53 -11.51 -26.23 21.50
N ALA A 54 -11.12 -26.58 20.27
CA ALA A 54 -10.63 -27.94 19.95
C ALA A 54 -9.26 -28.19 20.61
N ALA A 55 -8.36 -27.19 20.62
CA ALA A 55 -7.00 -27.32 21.19
C ALA A 55 -7.06 -27.38 22.74
N VAL A 56 -7.95 -26.62 23.40
CA VAL A 56 -8.10 -26.73 24.87
C VAL A 56 -8.70 -28.11 25.23
N SER A 57 -9.70 -28.59 24.48
CA SER A 57 -10.31 -29.93 24.73
C SER A 57 -9.27 -31.04 24.53
N ARG A 58 -8.46 -30.98 23.49
CA ARG A 58 -7.44 -32.03 23.28
C ARG A 58 -6.62 -32.15 24.57
N VAL A 59 -6.19 -31.03 25.17
CA VAL A 59 -5.34 -31.01 26.38
C VAL A 59 -6.14 -31.49 27.58
N LYS A 60 -7.35 -30.98 27.78
CA LYS A 60 -8.12 -31.33 29.01
C LYS A 60 -8.44 -32.84 28.95
N ASP A 61 -8.59 -33.41 27.75
CA ASP A 61 -9.09 -34.80 27.56
C ASP A 61 -7.97 -35.81 27.91
N ARG A 62 -6.71 -35.42 27.74
CA ARG A 62 -5.51 -36.16 28.22
C ARG A 62 -5.28 -35.94 29.74
N GLY A 63 -6.20 -35.29 30.45
CA GLY A 63 -6.16 -35.15 31.91
C GLY A 63 -5.14 -34.12 32.36
N GLN A 64 -4.77 -33.19 31.47
CA GLN A 64 -3.68 -32.21 31.66
C GLN A 64 -4.24 -30.80 31.90
N LYS A 65 -3.48 -30.01 32.66
CA LYS A 65 -3.64 -28.55 32.84
C LYS A 65 -3.39 -27.87 31.47
N ALA A 66 -4.38 -27.13 30.96
CA ALA A 66 -4.32 -26.32 29.72
C ALA A 66 -3.81 -24.92 30.03
N LEU A 67 -2.53 -24.67 29.68
CA LEU A 67 -1.79 -23.43 29.95
C LEU A 67 -1.52 -22.75 28.61
N VAL A 68 -2.14 -21.60 28.44
CA VAL A 68 -2.15 -20.84 27.17
C VAL A 68 -1.05 -19.78 27.23
N LEU A 69 -0.33 -19.71 26.13
CA LEU A 69 0.51 -18.57 25.77
C LEU A 69 -0.04 -17.96 24.46
N ASP A 70 -0.48 -16.73 24.58
CA ASP A 70 -1.10 -15.86 23.57
C ASP A 70 -0.13 -14.73 23.27
N ILE A 71 0.72 -14.90 22.26
CA ILE A 71 1.69 -13.86 21.81
C ILE A 71 0.97 -12.90 20.84
N GLY A 72 0.84 -11.64 21.27
CA GLY A 72 0.28 -10.53 20.49
C GLY A 72 -1.20 -10.38 20.77
N THR A 73 -1.55 -10.35 22.05
CA THR A 73 -2.91 -10.55 22.56
C THR A 73 -3.81 -9.44 22.03
N GLY A 74 -3.25 -8.26 21.74
CA GLY A 74 -4.06 -7.05 21.46
C GLY A 74 -5.05 -6.77 22.59
N THR A 75 -6.32 -7.03 22.36
CA THR A 75 -7.43 -6.81 23.33
C THR A 75 -7.52 -7.93 24.36
N GLY A 76 -6.95 -9.11 24.08
CA GLY A 76 -7.07 -10.32 24.93
C GLY A 76 -8.18 -11.28 24.47
N LEU A 77 -8.86 -10.96 23.36
CA LEU A 77 -10.02 -11.73 22.82
C LEU A 77 -9.72 -13.22 22.78
N LEU A 78 -8.54 -13.60 22.29
CA LEU A 78 -8.21 -15.02 22.08
C LEU A 78 -7.93 -15.68 23.45
N SER A 79 -7.42 -14.92 24.41
CA SER A 79 -7.24 -15.40 25.81
C SER A 79 -8.60 -15.55 26.47
N MET A 80 -9.54 -14.64 26.18
CA MET A 80 -10.91 -14.73 26.75
C MET A 80 -11.62 -15.94 26.16
N MET A 81 -11.39 -16.23 24.88
CA MET A 81 -11.96 -17.42 24.20
C MET A 81 -11.43 -18.69 24.88
N ALA A 82 -10.13 -18.75 25.10
CA ALA A 82 -9.43 -19.95 25.63
C ALA A 82 -9.97 -20.27 27.02
N VAL A 83 -10.30 -19.26 27.84
CA VAL A 83 -10.88 -19.48 29.20
C VAL A 83 -12.30 -20.04 29.07
N THR A 84 -13.13 -19.52 28.16
CA THR A 84 -14.53 -20.01 27.98
C THR A 84 -14.47 -21.45 27.48
N ALA A 85 -13.42 -21.80 26.78
CA ALA A 85 -13.16 -23.15 26.23
C ALA A 85 -12.70 -24.09 27.36
N GLY A 86 -12.31 -23.57 28.54
CA GLY A 86 -11.87 -24.38 29.70
C GLY A 86 -10.36 -24.31 30.00
N ALA A 87 -9.60 -23.36 29.46
CA ALA A 87 -8.15 -23.24 29.80
C ALA A 87 -7.96 -22.90 31.30
N ASP A 88 -6.89 -23.41 31.91
CA ASP A 88 -6.65 -23.28 33.37
C ASP A 88 -6.04 -21.90 33.66
N PHE A 89 -5.18 -21.40 32.77
CA PHE A 89 -4.59 -20.04 32.86
C PHE A 89 -4.08 -19.58 31.48
N CYS A 90 -4.09 -18.27 31.24
CA CYS A 90 -3.52 -17.66 30.00
C CYS A 90 -2.53 -16.57 30.36
N TYR A 91 -1.39 -16.62 29.66
CA TYR A 91 -0.30 -15.64 29.70
C TYR A 91 -0.33 -14.90 28.37
N ALA A 92 -0.81 -13.67 28.41
CA ALA A 92 -1.18 -12.87 27.24
C ALA A 92 -0.13 -11.78 27.06
N ILE A 93 0.71 -11.93 26.03
CA ILE A 93 1.90 -11.08 25.78
C ILE A 93 1.51 -9.96 24.79
N GLU A 94 1.84 -8.72 25.12
CA GLU A 94 1.59 -7.53 24.28
C GLU A 94 2.68 -6.49 24.54
N VAL A 95 3.51 -6.20 23.55
CA VAL A 95 4.71 -5.34 23.68
C VAL A 95 4.31 -3.86 23.73
N PHE A 96 3.17 -3.49 23.16
CA PHE A 96 2.72 -2.08 22.99
C PHE A 96 1.92 -1.65 24.22
N LYS A 97 2.52 -0.84 25.10
CA LYS A 97 2.00 -0.53 26.46
C LYS A 97 0.52 -0.19 26.36
N PRO A 98 0.11 0.77 25.50
CA PRO A 98 -1.28 1.22 25.49
C PRO A 98 -2.29 0.07 25.27
N MET A 99 -1.97 -0.87 24.36
CA MET A 99 -2.80 -2.07 24.04
C MET A 99 -2.81 -3.03 25.24
N ALA A 100 -1.64 -3.33 25.80
CA ALA A 100 -1.48 -4.08 27.07
C ALA A 100 -2.46 -3.54 28.12
N GLU A 101 -2.49 -2.22 28.28
CA GLU A 101 -3.25 -1.55 29.35
C GLU A 101 -4.74 -1.70 29.05
N ALA A 102 -5.14 -1.60 27.78
CA ALA A 102 -6.54 -1.81 27.31
C ALA A 102 -6.92 -3.27 27.56
N ALA A 103 -6.03 -4.19 27.21
CA ALA A 103 -6.24 -5.65 27.36
C ALA A 103 -6.54 -5.94 28.83
N VAL A 104 -5.75 -5.38 29.76
CA VAL A 104 -6.00 -5.53 31.23
C VAL A 104 -7.45 -5.15 31.56
N LYS A 105 -7.96 -4.01 31.04
CA LYS A 105 -9.31 -3.46 31.40
C LYS A 105 -10.41 -4.31 30.74
N ILE A 106 -10.17 -4.78 29.52
CA ILE A 106 -11.17 -5.55 28.72
C ILE A 106 -11.39 -6.91 29.39
N VAL A 107 -10.29 -7.55 29.80
CA VAL A 107 -10.29 -8.85 30.55
C VAL A 107 -11.08 -8.72 31.85
N GLU A 108 -10.98 -7.57 32.53
CA GLU A 108 -11.66 -7.30 33.82
C GLU A 108 -13.16 -7.11 33.57
N ARG A 109 -13.55 -6.27 32.63
CA ARG A 109 -14.96 -5.98 32.26
C ARG A 109 -15.69 -7.28 31.90
N ASN A 110 -15.05 -8.17 31.14
CA ASN A 110 -15.65 -9.45 30.67
C ASN A 110 -15.58 -10.54 31.76
N GLY A 111 -14.86 -10.28 32.86
CA GLY A 111 -14.82 -11.13 34.07
C GLY A 111 -13.75 -12.24 34.02
N PHE A 112 -12.56 -12.00 33.46
CA PHE A 112 -11.54 -13.07 33.16
C PHE A 112 -10.21 -12.81 33.87
N SER A 113 -10.14 -11.81 34.77
CA SER A 113 -8.90 -11.39 35.47
C SER A 113 -8.32 -12.54 36.31
N ASP A 114 -9.16 -13.43 36.81
CA ASP A 114 -8.71 -14.60 37.64
C ASP A 114 -7.81 -15.56 36.81
N LYS A 115 -8.00 -15.64 35.48
CA LYS A 115 -7.39 -16.70 34.65
C LYS A 115 -6.54 -16.12 33.53
N ILE A 116 -6.33 -14.79 33.48
CA ILE A 116 -5.53 -14.16 32.40
C ILE A 116 -4.59 -13.12 33.02
N LYS A 117 -3.28 -13.33 32.90
CA LYS A 117 -2.21 -12.35 33.22
C LYS A 117 -1.72 -11.72 31.93
N VAL A 118 -1.88 -10.43 31.79
CA VAL A 118 -1.35 -9.62 30.67
C VAL A 118 0.07 -9.16 31.02
N ILE A 119 1.01 -9.46 30.13
CA ILE A 119 2.45 -9.11 30.28
C ILE A 119 2.82 -8.15 29.15
N ASN A 120 3.21 -6.94 29.52
CA ASN A 120 3.61 -5.84 28.60
C ASN A 120 5.10 -5.98 28.25
N LYS A 121 5.43 -6.89 27.34
CA LYS A 121 6.81 -7.14 26.85
C LYS A 121 6.75 -7.72 25.45
N HIS A 122 7.84 -7.63 24.72
CA HIS A 122 8.09 -8.50 23.56
C HIS A 122 8.21 -9.93 24.07
N SER A 123 7.66 -10.90 23.33
CA SER A 123 7.64 -12.33 23.72
C SER A 123 9.07 -12.82 23.93
N THR A 124 10.06 -12.27 23.21
CA THR A 124 11.50 -12.69 23.29
C THR A 124 12.16 -12.25 24.61
N GLU A 125 11.57 -11.30 25.35
CA GLU A 125 12.04 -10.83 26.69
C GLU A 125 11.37 -11.66 27.80
N VAL A 126 10.44 -12.53 27.44
CA VAL A 126 9.59 -13.28 28.41
C VAL A 126 10.39 -14.50 28.86
N THR A 127 10.39 -14.82 30.15
CA THR A 127 11.16 -15.96 30.74
C THR A 127 10.26 -16.81 31.62
N VAL A 128 10.68 -18.04 31.85
CA VAL A 128 10.07 -19.01 32.78
C VAL A 128 11.00 -19.11 33.98
N GLY A 129 10.52 -18.82 35.19
CA GLY A 129 11.32 -19.03 36.40
C GLY A 129 10.74 -18.35 37.63
N PRO A 130 11.41 -18.54 38.79
CA PRO A 130 10.99 -17.98 40.06
C PRO A 130 10.80 -16.46 40.05
N ASP A 131 11.62 -15.75 39.30
CA ASP A 131 11.46 -14.30 39.06
C ASP A 131 11.07 -14.10 37.59
N GLY A 132 10.27 -15.01 37.06
CA GLY A 132 9.87 -15.01 35.64
C GLY A 132 8.47 -14.46 35.45
N ASP A 133 8.03 -14.42 34.20
CA ASP A 133 6.68 -14.03 33.79
C ASP A 133 5.76 -15.24 33.89
N LEU A 134 6.26 -16.41 33.49
CA LEU A 134 5.55 -17.72 33.56
C LEU A 134 6.17 -18.57 34.64
N PRO A 135 5.39 -19.42 35.30
CA PRO A 135 5.94 -20.38 36.26
C PRO A 135 6.53 -21.61 35.58
N CYS A 136 6.04 -21.93 34.40
CA CYS A 136 6.42 -23.13 33.62
C CYS A 136 6.04 -22.95 32.16
N ARG A 137 6.55 -23.82 31.29
CA ARG A 137 6.28 -23.81 29.83
C ARG A 137 4.77 -24.01 29.61
N ALA A 138 4.19 -23.31 28.66
CA ALA A 138 2.77 -23.46 28.24
C ALA A 138 2.68 -24.65 27.29
N ASN A 139 1.46 -25.16 27.04
CA ASN A 139 1.21 -26.33 26.15
C ASN A 139 0.11 -26.01 25.13
N ILE A 140 -0.31 -24.76 25.07
CA ILE A 140 -1.23 -24.21 24.03
C ILE A 140 -0.69 -22.87 23.61
N LEU A 141 -0.25 -22.78 22.37
CA LEU A 141 0.38 -21.58 21.79
C LEU A 141 -0.55 -20.98 20.75
N ILE A 142 -1.05 -19.78 21.03
CA ILE A 142 -1.95 -18.97 20.18
C ILE A 142 -1.22 -17.69 19.83
N THR A 143 -1.20 -17.31 18.55
CA THR A 143 -0.69 -16.01 18.04
C THR A 143 -1.54 -15.55 16.86
N GLU A 144 -1.51 -14.24 16.58
CA GLU A 144 -2.03 -13.61 15.35
C GLU A 144 -0.95 -12.69 14.73
N LEU A 145 0.29 -13.15 14.66
CA LEU A 145 1.43 -12.32 14.22
C LEU A 145 1.65 -12.44 12.69
N PHE A 146 0.60 -12.29 11.92
CA PHE A 146 0.64 -12.52 10.46
C PHE A 146 0.23 -11.24 9.73
N ASP A 147 0.94 -10.92 8.66
CA ASP A 147 0.55 -9.87 7.68
C ASP A 147 0.30 -10.58 6.33
N THR A 148 0.03 -9.79 5.29
CA THR A 148 -0.14 -10.23 3.89
C THR A 148 1.00 -11.16 3.46
N GLU A 149 2.25 -10.87 3.83
CA GLU A 149 3.45 -11.67 3.45
C GLU A 149 3.58 -12.92 4.34
N LEU A 150 2.71 -13.04 5.36
CA LEU A 150 2.67 -14.10 6.43
C LEU A 150 3.75 -13.80 7.49
N ILE A 151 5.01 -13.58 7.10
CA ILE A 151 6.18 -13.63 8.03
C ILE A 151 6.70 -12.21 8.30
N GLY A 152 6.11 -11.20 7.70
CA GLY A 152 6.55 -9.79 7.77
C GLY A 152 6.42 -9.17 9.16
N GLU A 153 5.63 -9.73 10.09
CA GLU A 153 5.46 -9.16 11.46
C GLU A 153 6.21 -9.99 12.51
N GLY A 154 7.11 -10.88 12.09
CA GLY A 154 8.09 -11.51 12.99
C GLY A 154 7.63 -12.86 13.52
N ALA A 155 6.69 -13.48 12.83
CA ALA A 155 6.17 -14.78 13.24
C ALA A 155 7.32 -15.76 13.38
N LEU A 156 8.27 -15.76 12.46
CA LEU A 156 9.32 -16.81 12.44
C LEU A 156 10.19 -16.70 13.70
N PRO A 157 10.83 -15.54 14.01
CA PRO A 157 11.60 -15.40 15.26
C PRO A 157 10.78 -15.51 16.57
N SER A 158 9.57 -14.96 16.62
CA SER A 158 8.67 -15.12 17.81
C SER A 158 8.37 -16.60 18.07
N TYR A 159 8.02 -17.38 17.04
CA TYR A 159 7.63 -18.80 17.18
C TYR A 159 8.88 -19.58 17.58
N GLU A 160 10.01 -19.26 16.97
CA GLU A 160 11.32 -19.86 17.25
C GLU A 160 11.65 -19.70 18.76
N HIS A 161 11.68 -18.48 19.25
CA HIS A 161 12.01 -18.19 20.67
C HIS A 161 11.03 -18.92 21.56
N ALA A 162 9.75 -18.98 21.16
CA ALA A 162 8.65 -19.54 21.98
C ALA A 162 8.83 -21.05 22.15
N HIS A 163 9.06 -21.79 21.07
CA HIS A 163 9.32 -23.25 21.12
C HIS A 163 10.61 -23.51 21.90
N LYS A 164 11.61 -22.64 21.75
CA LYS A 164 12.90 -22.80 22.47
C LYS A 164 12.67 -22.64 23.99
N HIS A 165 11.93 -21.62 24.45
CA HIS A 165 11.96 -21.20 25.89
C HIS A 165 10.60 -21.31 26.62
N LEU A 166 9.46 -21.16 25.93
CA LEU A 166 8.17 -20.79 26.58
C LEU A 166 7.15 -21.94 26.53
N VAL A 167 7.36 -22.92 25.65
CA VAL A 167 6.32 -23.95 25.34
C VAL A 167 6.91 -25.36 25.50
N GLN A 168 6.11 -26.29 26.00
CA GLN A 168 6.43 -27.74 26.04
C GLN A 168 6.67 -28.25 24.61
N GLU A 169 7.58 -29.21 24.44
CA GLU A 169 7.52 -30.17 23.32
C GLU A 169 6.17 -30.87 23.43
N ASP A 170 5.52 -31.18 22.32
CA ASP A 170 4.21 -31.90 22.37
C ASP A 170 3.17 -30.92 22.93
N CYS A 171 2.71 -30.02 22.07
CA CYS A 171 1.93 -28.81 22.41
C CYS A 171 1.02 -28.45 21.26
N GLU A 172 -0.17 -27.96 21.58
CA GLU A 172 -1.17 -27.51 20.60
C GLU A 172 -0.80 -26.11 20.18
N ALA A 173 -1.13 -25.75 18.95
CA ALA A 173 -0.90 -24.41 18.38
C ALA A 173 -2.08 -24.03 17.52
N VAL A 174 -2.57 -22.83 17.74
CA VAL A 174 -3.66 -22.19 16.97
C VAL A 174 -3.15 -20.85 16.52
N PRO A 175 -2.83 -20.67 15.22
CA PRO A 175 -3.01 -21.71 14.22
C PRO A 175 -2.05 -22.88 14.33
N HIS A 176 -2.43 -24.04 13.76
CA HIS A 176 -1.58 -25.25 13.67
C HIS A 176 -0.57 -25.12 12.53
N ARG A 177 -0.99 -24.64 11.35
CA ARG A 177 -0.06 -24.62 10.17
C ARG A 177 -0.55 -23.58 9.16
N ALA A 178 0.39 -22.92 8.50
CA ALA A 178 0.12 -22.03 7.36
C ALA A 178 0.88 -22.56 6.15
N THR A 179 0.37 -22.26 4.96
CA THR A 179 0.99 -22.63 3.67
C THR A 179 0.97 -21.41 2.76
N VAL A 180 2.12 -21.11 2.17
CA VAL A 180 2.30 -20.01 1.21
C VAL A 180 2.23 -20.58 -0.20
N TYR A 181 1.41 -19.97 -1.04
CA TYR A 181 1.16 -20.34 -2.46
C TYR A 181 1.69 -19.26 -3.37
N ALA A 182 2.09 -19.65 -4.58
CA ALA A 182 2.60 -18.73 -5.62
C ALA A 182 2.00 -19.11 -6.96
N GLN A 183 1.73 -18.10 -7.78
CA GLN A 183 1.22 -18.31 -9.14
C GLN A 183 1.97 -17.36 -10.05
N LEU A 184 2.63 -17.93 -11.07
CA LEU A 184 3.45 -17.19 -12.04
C LEU A 184 2.53 -16.61 -13.12
N VAL A 185 2.70 -15.33 -13.43
CA VAL A 185 1.85 -14.62 -14.41
C VAL A 185 2.71 -13.69 -15.28
N GLU A 186 2.09 -13.24 -16.39
CA GLU A 186 2.54 -12.14 -17.27
C GLU A 186 1.55 -11.01 -17.08
N SER A 187 2.02 -9.78 -17.01
CA SER A 187 1.18 -8.63 -16.65
C SER A 187 1.90 -7.35 -16.99
N ARG A 188 1.73 -6.89 -18.23
CA ARG A 188 2.13 -5.54 -18.68
C ARG A 188 1.87 -4.54 -17.54
N ARG A 189 0.66 -4.52 -17.01
CA ARG A 189 0.21 -3.51 -15.99
C ARG A 189 1.04 -3.62 -14.70
N MET A 190 1.24 -4.84 -14.19
CA MET A 190 1.92 -5.06 -12.89
C MET A 190 3.44 -4.92 -13.07
N TRP A 191 3.96 -5.28 -14.25
CA TRP A 191 5.38 -5.11 -14.64
C TRP A 191 5.72 -3.63 -14.81
N SER A 192 4.72 -2.80 -15.11
CA SER A 192 4.84 -1.32 -15.24
C SER A 192 4.91 -0.67 -13.84
N TRP A 193 4.80 -1.46 -12.78
CA TRP A 193 5.07 -1.02 -11.39
C TRP A 193 6.55 -1.18 -11.03
N ASN A 194 7.35 -1.84 -11.90
CA ASN A 194 8.72 -2.37 -11.57
C ASN A 194 9.75 -1.94 -12.62
N LYS A 195 9.32 -1.54 -13.81
CA LYS A 195 10.19 -1.15 -14.94
C LYS A 195 9.72 0.17 -15.54
N LEU A 196 10.67 1.00 -15.94
CA LEU A 196 10.43 2.13 -16.85
C LEU A 196 10.34 1.59 -18.27
N PHE A 197 9.24 1.86 -18.94
CA PHE A 197 9.00 1.55 -20.36
C PHE A 197 9.45 2.73 -21.18
N PRO A 198 9.82 2.50 -22.46
CA PRO A 198 9.81 3.56 -23.45
C PRO A 198 8.64 4.54 -23.28
N VAL A 199 8.93 5.84 -23.28
CA VAL A 199 7.92 6.93 -23.22
C VAL A 199 7.93 7.66 -24.57
N ARG A 200 6.79 7.70 -25.26
CA ARG A 200 6.67 8.28 -26.63
C ARG A 200 6.19 9.73 -26.51
N VAL A 201 6.78 10.61 -27.32
CA VAL A 201 6.23 11.96 -27.62
C VAL A 201 6.38 12.22 -29.14
N ARG A 202 5.34 12.81 -29.74
CA ARG A 202 5.29 13.26 -31.16
C ARG A 202 5.76 14.72 -31.23
N THR A 203 6.92 14.94 -31.84
CA THR A 203 7.48 16.29 -32.16
C THR A 203 7.08 16.66 -33.60
N SER A 204 7.26 17.92 -34.00
CA SER A 204 7.05 18.42 -35.39
C SER A 204 7.73 17.46 -36.39
N LEU A 205 9.00 17.09 -36.07
CA LEU A 205 9.93 16.30 -36.91
C LEU A 205 9.79 14.80 -36.58
N GLY A 206 8.56 14.28 -36.42
CA GLY A 206 8.26 12.84 -36.20
C GLY A 206 8.13 12.50 -34.72
N GLU A 207 7.99 11.20 -34.40
CA GLU A 207 7.78 10.68 -33.02
C GLU A 207 9.14 10.41 -32.35
N GLN A 208 9.33 10.90 -31.11
CA GLN A 208 10.55 10.69 -30.28
C GLN A 208 10.27 9.63 -29.21
N VAL A 209 11.32 8.91 -28.78
CA VAL A 209 11.26 7.83 -27.75
C VAL A 209 12.23 8.18 -26.62
N ILE A 210 11.74 8.27 -25.38
CA ILE A 210 12.58 8.36 -24.15
C ILE A 210 12.84 6.94 -23.66
N VAL A 211 14.09 6.50 -23.65
CA VAL A 211 14.48 5.11 -23.31
C VAL A 211 14.98 5.12 -21.88
N PRO A 212 14.91 3.99 -21.16
CA PRO A 212 15.37 3.91 -19.79
C PRO A 212 16.84 3.55 -19.75
N PRO A 213 17.59 4.10 -18.77
CA PRO A 213 18.92 3.61 -18.48
C PRO A 213 18.89 2.08 -18.35
N SER A 214 19.81 1.41 -19.02
CA SER A 214 19.94 -0.05 -19.10
C SER A 214 19.99 -0.65 -17.69
N GLU A 215 20.53 0.08 -16.71
CA GLU A 215 20.68 -0.46 -15.32
C GLU A 215 19.30 -0.67 -14.67
N LEU A 216 18.27 0.08 -15.07
CA LEU A 216 16.88 -0.17 -14.59
C LEU A 216 16.44 -1.56 -15.06
N GLU A 217 16.51 -1.77 -16.36
CA GLU A 217 16.14 -3.04 -17.03
C GLU A 217 16.79 -4.22 -16.26
N ARG A 218 18.02 -4.06 -15.78
CA ARG A 218 18.81 -5.14 -15.11
C ARG A 218 18.50 -5.23 -13.60
N CYS A 219 17.95 -4.20 -12.96
CA CYS A 219 17.76 -4.16 -11.47
C CYS A 219 16.77 -5.25 -11.08
N PRO A 220 16.99 -5.99 -9.99
CA PRO A 220 15.94 -6.82 -9.39
C PRO A 220 14.73 -6.07 -8.83
N GLY A 221 14.82 -4.75 -8.69
CA GLY A 221 13.75 -3.93 -8.12
C GLY A 221 13.84 -3.84 -6.60
N ALA A 222 12.89 -3.11 -6.00
CA ALA A 222 12.83 -2.79 -4.56
C ALA A 222 12.63 -4.08 -3.79
N PRO A 223 13.41 -4.34 -2.70
CA PRO A 223 13.44 -5.65 -2.05
C PRO A 223 12.33 -5.82 -0.98
N SER A 224 11.10 -5.49 -1.36
CA SER A 224 9.91 -5.38 -0.48
C SER A 224 8.67 -5.84 -1.26
N VAL A 225 7.68 -6.39 -0.55
CA VAL A 225 6.40 -6.92 -1.13
C VAL A 225 5.54 -5.74 -1.54
N CYS A 226 4.71 -5.99 -2.55
CA CYS A 226 3.65 -5.11 -3.05
C CYS A 226 2.30 -5.79 -2.73
N ASP A 227 1.60 -5.25 -1.73
CA ASP A 227 0.38 -5.83 -1.13
C ASP A 227 -0.84 -5.16 -1.78
N ILE A 228 -1.65 -5.92 -2.51
CA ILE A 228 -2.80 -5.43 -3.31
C ILE A 228 -4.01 -6.35 -3.09
N GLN A 229 -5.20 -5.84 -3.40
CA GLN A 229 -6.46 -6.61 -3.48
C GLN A 229 -6.57 -7.17 -4.88
N LEU A 230 -5.97 -8.35 -5.12
CA LEU A 230 -5.94 -8.99 -6.48
C LEU A 230 -7.37 -9.20 -6.99
N ASN A 231 -8.35 -9.26 -6.07
CA ASN A 231 -9.79 -9.43 -6.40
C ASN A 231 -10.27 -8.27 -7.26
N GLN A 232 -9.59 -7.09 -7.20
CA GLN A 232 -9.97 -5.89 -8.02
C GLN A 232 -9.10 -5.77 -9.28
N VAL A 233 -8.21 -6.71 -9.54
CA VAL A 233 -7.43 -6.77 -10.82
C VAL A 233 -8.30 -7.49 -11.85
N SER A 234 -8.76 -6.76 -12.88
CA SER A 234 -9.39 -7.28 -14.13
C SER A 234 -8.63 -8.52 -14.62
N PRO A 235 -9.30 -9.68 -14.83
CA PRO A 235 -8.61 -10.89 -15.30
C PRO A 235 -7.93 -10.69 -16.67
N ALA A 236 -8.26 -9.59 -17.36
CA ALA A 236 -7.66 -9.13 -18.64
C ALA A 236 -6.24 -8.55 -18.43
N ASP A 237 -5.91 -8.12 -17.21
CA ASP A 237 -4.67 -7.34 -16.90
C ASP A 237 -3.46 -8.30 -16.77
N PHE A 238 -3.70 -9.61 -16.66
CA PHE A 238 -2.62 -10.60 -16.48
C PHE A 238 -3.04 -11.93 -17.09
N THR A 239 -2.07 -12.74 -17.50
CA THR A 239 -2.26 -14.11 -18.02
C THR A 239 -1.58 -15.09 -17.07
N VAL A 240 -2.34 -16.00 -16.50
CA VAL A 240 -1.83 -17.10 -15.63
C VAL A 240 -0.89 -17.99 -16.46
N LEU A 241 0.30 -18.29 -15.93
CA LEU A 241 1.35 -19.08 -16.60
C LEU A 241 1.58 -20.39 -15.84
N SER A 242 1.20 -20.45 -14.56
CA SER A 242 1.33 -21.65 -13.68
C SER A 242 -0.01 -21.97 -13.04
N ASP A 243 -0.15 -23.19 -12.55
CA ASP A 243 -1.11 -23.52 -11.47
C ASP A 243 -0.75 -22.71 -10.22
N VAL A 244 -1.69 -22.64 -9.29
CA VAL A 244 -1.39 -22.25 -7.90
C VAL A 244 -0.45 -23.33 -7.35
N LEU A 245 0.81 -22.97 -7.04
CA LEU A 245 1.88 -23.87 -6.52
C LEU A 245 2.02 -23.71 -4.99
N PRO A 246 1.92 -24.80 -4.20
CA PRO A 246 2.27 -24.74 -2.79
C PRO A 246 3.80 -24.68 -2.65
N MET A 247 4.33 -23.59 -2.10
CA MET A 247 5.78 -23.30 -2.13
C MET A 247 6.45 -23.79 -0.84
N PHE A 248 5.85 -23.51 0.32
CA PHE A 248 6.25 -24.09 1.63
C PHE A 248 5.16 -23.87 2.68
N SER A 249 5.28 -24.65 3.76
CA SER A 249 4.38 -24.64 4.93
C SER A 249 5.20 -24.29 6.18
N VAL A 250 4.57 -23.66 7.16
CA VAL A 250 5.11 -23.49 8.53
C VAL A 250 4.19 -24.30 9.47
N ASP A 251 4.77 -25.24 10.23
CA ASP A 251 4.10 -26.00 11.31
C ASP A 251 4.35 -25.31 12.66
N PHE A 252 3.35 -24.64 13.23
CA PHE A 252 3.50 -23.77 14.43
C PHE A 252 3.54 -24.65 15.70
N SER A 253 3.15 -25.91 15.60
CA SER A 253 3.13 -26.91 16.70
C SER A 253 4.53 -27.49 16.97
N LYS A 254 5.48 -27.34 16.05
CA LYS A 254 6.85 -27.92 16.17
C LYS A 254 7.85 -26.76 16.19
N GLN A 255 9.10 -27.02 16.60
CA GLN A 255 10.17 -25.99 16.59
C GLN A 255 10.20 -25.33 15.20
N VAL A 256 10.29 -24.00 15.17
CA VAL A 256 10.29 -23.17 13.94
C VAL A 256 11.63 -22.45 13.88
N SER A 257 12.17 -22.28 12.67
CA SER A 257 13.46 -21.59 12.42
C SER A 257 13.19 -20.24 11.75
N SER A 258 13.94 -19.21 12.14
CA SER A 258 13.98 -17.89 11.47
C SER A 258 15.12 -17.87 10.45
N SER A 259 15.85 -18.97 10.32
CA SER A 259 16.98 -19.13 9.35
C SER A 259 16.48 -18.93 7.92
N ALA A 260 17.27 -18.27 7.10
CA ALA A 260 17.15 -18.23 5.62
C ALA A 260 16.94 -19.66 5.09
N ALA A 261 16.08 -19.81 4.09
CA ALA A 261 15.92 -21.07 3.31
C ALA A 261 15.37 -20.75 1.92
N CYS A 262 15.43 -21.73 1.02
CA CYS A 262 14.79 -21.65 -0.32
CA CYS A 262 14.83 -21.68 -0.35
C CYS A 262 14.00 -22.94 -0.57
N HIS A 263 12.87 -22.81 -1.24
CA HIS A 263 11.97 -23.93 -1.62
C HIS A 263 11.72 -23.87 -3.12
N SER A 264 12.05 -24.93 -3.83
CA SER A 264 11.91 -25.06 -5.31
C SER A 264 10.71 -25.95 -5.64
N ARG A 265 9.78 -25.50 -6.47
CA ARG A 265 8.66 -26.30 -6.99
C ARG A 265 8.79 -26.37 -8.51
N GLN A 266 8.98 -27.58 -9.03
CA GLN A 266 8.86 -27.92 -10.47
C GLN A 266 7.41 -27.66 -10.88
N PHE A 267 7.16 -26.96 -11.99
CA PHE A 267 5.80 -26.81 -12.56
C PHE A 267 5.83 -26.90 -14.09
N VAL A 268 4.66 -27.11 -14.68
CA VAL A 268 4.38 -27.21 -16.14
C VAL A 268 3.60 -25.98 -16.56
N PRO A 269 4.23 -25.02 -17.27
CA PRO A 269 3.53 -23.82 -17.71
C PRO A 269 2.20 -24.11 -18.43
N LEU A 270 1.11 -23.49 -17.97
CA LEU A 270 -0.26 -23.62 -18.53
C LEU A 270 -0.36 -22.91 -19.87
N ALA A 271 0.65 -22.13 -20.21
CA ALA A 271 0.66 -21.32 -21.44
C ALA A 271 2.06 -20.77 -21.68
N SER A 272 2.24 -20.14 -22.83
CA SER A 272 3.50 -19.49 -23.25
C SER A 272 3.32 -18.00 -23.06
N GLY A 273 4.40 -17.32 -22.69
CA GLY A 273 4.43 -15.89 -22.41
C GLY A 273 5.66 -15.50 -21.62
N GLN A 274 5.71 -14.26 -21.15
CA GLN A 274 6.84 -13.67 -20.38
C GLN A 274 6.55 -13.80 -18.88
N ALA A 275 7.25 -14.70 -18.22
CA ALA A 275 7.36 -14.78 -16.74
C ALA A 275 7.81 -13.42 -16.24
N GLN A 276 6.97 -12.76 -15.46
CA GLN A 276 7.24 -11.40 -14.95
C GLN A 276 6.99 -11.36 -13.44
N VAL A 277 5.76 -11.73 -13.04
CA VAL A 277 5.17 -11.45 -11.71
C VAL A 277 4.83 -12.79 -11.03
N VAL A 278 5.04 -12.86 -9.73
CA VAL A 278 4.58 -13.97 -8.85
C VAL A 278 3.51 -13.40 -7.92
N LEU A 279 2.26 -13.85 -8.09
CA LEU A 279 1.14 -13.53 -7.20
C LEU A 279 1.19 -14.50 -6.03
N SER A 280 1.10 -14.00 -4.80
CA SER A 280 1.22 -14.86 -3.60
C SER A 280 0.16 -14.56 -2.55
N TRP A 281 -0.11 -15.55 -1.75
CA TRP A 281 -1.11 -15.53 -0.67
C TRP A 281 -0.89 -16.77 0.17
N TRP A 282 -1.47 -16.83 1.37
CA TRP A 282 -1.32 -18.01 2.26
C TRP A 282 -2.68 -18.47 2.71
N ASP A 283 -2.73 -19.63 3.35
CA ASP A 283 -3.90 -20.11 4.11
C ASP A 283 -3.39 -20.60 5.46
N ILE A 284 -4.28 -20.67 6.44
CA ILE A 284 -4.00 -21.15 7.81
C ILE A 284 -4.93 -22.33 8.07
N GLU A 285 -4.44 -23.32 8.79
CA GLU A 285 -5.26 -24.38 9.40
C GLU A 285 -5.18 -24.20 10.93
N MET A 286 -6.34 -24.21 11.61
CA MET A 286 -6.47 -23.89 13.05
C MET A 286 -6.34 -25.17 13.91
N ASP A 287 -6.40 -26.32 13.28
CA ASP A 287 -6.42 -27.66 13.94
C ASP A 287 -5.49 -28.58 13.17
N PRO A 288 -4.96 -29.62 13.82
CA PRO A 288 -4.11 -30.61 13.14
C PRO A 288 -4.73 -31.39 11.96
N GLU A 289 -6.06 -31.47 11.88
CA GLU A 289 -6.78 -32.31 10.88
C GLU A 289 -7.01 -31.46 9.61
N GLY A 290 -6.95 -30.13 9.74
CA GLY A 290 -7.10 -29.18 8.62
C GLY A 290 -8.56 -28.92 8.31
N LYS A 291 -9.45 -29.26 9.24
CA LYS A 291 -10.91 -29.00 9.15
C LYS A 291 -11.19 -27.48 9.21
N ILE A 292 -10.43 -26.72 9.99
CA ILE A 292 -10.72 -25.27 10.26
C ILE A 292 -9.66 -24.42 9.54
N LYS A 293 -10.08 -23.62 8.54
CA LYS A 293 -9.21 -23.05 7.47
C LYS A 293 -9.71 -21.66 7.08
N CYS A 294 -8.81 -20.68 7.05
CA CYS A 294 -8.96 -19.40 6.32
C CYS A 294 -7.93 -19.39 5.20
N THR A 295 -8.28 -18.79 4.07
CA THR A 295 -7.35 -18.58 2.94
C THR A 295 -7.45 -17.13 2.50
N MET A 296 -6.35 -16.58 2.01
CA MET A 296 -6.29 -15.21 1.44
C MET A 296 -6.39 -15.33 -0.10
N ALA A 297 -6.58 -16.55 -0.61
CA ALA A 297 -6.63 -16.86 -2.07
C ALA A 297 -7.59 -15.92 -2.78
N PRO A 298 -7.22 -15.36 -3.95
CA PRO A 298 -8.15 -14.55 -4.71
C PRO A 298 -9.25 -15.41 -5.35
N PHE A 299 -10.26 -14.74 -5.88
CA PHE A 299 -11.52 -15.33 -6.37
C PHE A 299 -11.22 -16.50 -7.33
N TRP A 300 -10.29 -16.35 -8.27
CA TRP A 300 -10.13 -17.27 -9.42
C TRP A 300 -9.45 -18.59 -9.01
N ALA A 301 -9.02 -18.70 -7.77
CA ALA A 301 -8.26 -19.86 -7.23
C ALA A 301 -9.12 -20.66 -6.26
N GLN A 302 -10.31 -20.13 -5.93
CA GLN A 302 -11.35 -20.78 -5.08
C GLN A 302 -12.48 -21.31 -6.00
N THR A 303 -13.41 -22.08 -5.44
CA THR A 303 -14.47 -22.80 -6.20
C THR A 303 -15.72 -21.92 -6.37
N ASP A 304 -15.97 -21.01 -5.43
CA ASP A 304 -17.21 -20.19 -5.42
C ASP A 304 -16.87 -18.75 -5.02
N PRO A 305 -16.94 -17.80 -5.98
CA PRO A 305 -16.78 -16.39 -5.69
C PRO A 305 -17.80 -15.82 -4.69
N GLN A 306 -19.01 -16.41 -4.61
CA GLN A 306 -20.13 -15.89 -3.76
C GLN A 306 -19.85 -16.20 -2.27
N GLU A 307 -18.86 -17.06 -1.98
CA GLU A 307 -18.47 -17.49 -0.60
C GLU A 307 -17.24 -16.69 -0.12
N LEU A 308 -16.78 -15.70 -0.91
CA LEU A 308 -15.57 -14.86 -0.61
C LEU A 308 -15.81 -14.01 0.63
N GLN A 309 -14.80 -13.91 1.51
CA GLN A 309 -14.81 -13.13 2.79
C GLN A 309 -13.69 -12.09 2.74
N TRP A 310 -14.03 -10.79 2.67
CA TRP A 310 -13.10 -9.66 2.38
C TRP A 310 -12.11 -9.46 3.54
N ARG A 311 -10.88 -9.02 3.23
CA ARG A 311 -9.74 -8.93 4.20
C ARG A 311 -9.03 -7.55 4.11
N ASP A 312 -8.64 -7.00 5.28
CA ASP A 312 -7.85 -5.74 5.44
C ASP A 312 -6.56 -6.05 6.20
N MET A 315 -4.82 -9.18 2.56
CA MET A 315 -5.00 -9.23 1.08
C MET A 315 -3.89 -10.11 0.45
N GLN A 316 -3.46 -9.85 -0.79
CA GLN A 316 -2.50 -10.73 -1.53
C GLN A 316 -1.17 -10.02 -1.81
N CYS A 317 -0.15 -10.78 -2.21
CA CYS A 317 1.20 -10.26 -2.50
C CYS A 317 1.45 -10.24 -4.01
N VAL A 318 2.17 -9.24 -4.47
CA VAL A 318 2.77 -9.15 -5.83
C VAL A 318 4.28 -9.02 -5.68
N TYR A 319 5.03 -10.01 -6.16
CA TYR A 319 6.50 -10.01 -6.30
C TYR A 319 6.88 -9.92 -7.79
N PHE A 320 8.09 -9.40 -8.04
CA PHE A 320 8.69 -9.31 -9.39
C PHE A 320 9.88 -10.24 -9.46
N LEU A 321 9.93 -11.12 -10.46
CA LEU A 321 11.16 -11.86 -10.84
C LEU A 321 12.27 -10.86 -11.11
N PRO A 322 13.52 -11.15 -10.76
CA PRO A 322 14.62 -10.20 -10.96
C PRO A 322 14.96 -10.02 -12.45
N GLN A 323 14.59 -10.98 -13.30
CA GLN A 323 14.54 -10.80 -14.79
C GLN A 323 13.30 -11.48 -15.35
N GLU A 324 12.59 -10.80 -16.27
CA GLU A 324 11.54 -11.43 -17.09
C GLU A 324 12.24 -12.37 -18.08
N GLU A 325 11.52 -13.39 -18.55
CA GLU A 325 12.04 -14.41 -19.48
C GLU A 325 10.88 -15.27 -19.97
N PRO A 326 11.00 -15.83 -21.19
CA PRO A 326 9.90 -16.56 -21.80
C PRO A 326 9.75 -17.91 -21.12
N VAL A 327 8.50 -18.36 -20.97
CA VAL A 327 8.18 -19.77 -20.68
C VAL A 327 7.34 -20.30 -21.84
N VAL A 328 7.29 -21.63 -21.98
CA VAL A 328 6.68 -22.37 -23.11
C VAL A 328 5.74 -23.45 -22.54
N GLN A 329 4.47 -23.41 -22.95
CA GLN A 329 3.45 -24.46 -22.69
C GLN A 329 4.10 -25.85 -22.77
N GLY A 330 3.84 -26.70 -21.77
CA GLY A 330 4.34 -28.08 -21.70
C GLY A 330 5.76 -28.17 -21.19
N SER A 331 6.52 -27.08 -21.22
CA SER A 331 8.01 -27.10 -21.04
C SER A 331 8.39 -26.68 -19.61
N PRO A 332 8.72 -27.66 -18.72
CA PRO A 332 8.73 -27.42 -17.27
C PRO A 332 9.85 -26.53 -16.73
N ARG A 333 9.56 -25.78 -15.65
CA ARG A 333 10.52 -24.88 -14.94
C ARG A 333 10.33 -25.04 -13.42
N CYS A 334 11.26 -24.51 -12.64
CA CYS A 334 11.29 -24.58 -11.16
C CYS A 334 11.20 -23.15 -10.62
N LEU A 335 10.09 -22.82 -9.94
CA LEU A 335 9.91 -21.52 -9.25
C LEU A 335 10.55 -21.68 -7.87
N VAL A 336 11.37 -20.74 -7.46
CA VAL A 336 12.08 -20.81 -6.16
C VAL A 336 11.60 -19.67 -5.26
N ALA A 337 10.94 -20.00 -4.15
CA ALA A 337 10.65 -19.07 -3.04
C ALA A 337 11.88 -18.98 -2.16
N HIS A 338 12.40 -17.78 -1.93
CA HIS A 338 13.47 -17.51 -0.96
C HIS A 338 12.88 -16.78 0.22
N HIS A 339 13.40 -16.99 1.42
CA HIS A 339 13.02 -16.15 2.59
C HIS A 339 14.15 -16.10 3.60
N ASP A 340 14.20 -15.00 4.32
CA ASP A 340 15.02 -14.81 5.53
C ASP A 340 14.03 -14.77 6.69
N ASP A 341 14.27 -13.94 7.70
CA ASP A 341 13.52 -13.97 8.98
C ASP A 341 12.26 -13.10 8.85
N TYR A 342 12.12 -12.33 7.78
CA TYR A 342 11.05 -11.31 7.62
C TYR A 342 10.55 -11.21 6.17
N CYS A 343 11.38 -11.56 5.19
CA CYS A 343 11.19 -11.21 3.76
C CYS A 343 11.10 -12.47 2.91
N VAL A 344 10.26 -12.43 1.88
CA VAL A 344 10.17 -13.47 0.82
C VAL A 344 10.57 -12.82 -0.51
N TRP A 345 11.12 -13.62 -1.42
CA TRP A 345 11.40 -13.16 -2.81
C TRP A 345 11.52 -14.38 -3.73
N TYR A 346 11.33 -14.17 -5.03
CA TYR A 346 11.12 -15.26 -6.00
C TYR A 346 12.17 -15.20 -7.09
N SER A 347 12.59 -16.38 -7.56
CA SER A 347 13.37 -16.54 -8.80
C SER A 347 12.85 -17.74 -9.60
N LEU A 348 13.07 -17.72 -10.90
CA LEU A 348 12.93 -18.87 -11.82
C LEU A 348 14.30 -19.52 -12.00
N GLN A 349 14.49 -20.78 -11.57
CA GLN A 349 15.78 -21.50 -11.72
C GLN A 349 16.14 -21.51 -13.22
N ARG A 350 17.36 -21.08 -13.55
CA ARG A 350 17.97 -21.19 -14.91
C ARG A 350 17.74 -22.62 -15.44
N THR A 351 17.71 -22.79 -16.76
CA THR A 351 17.38 -24.07 -17.45
C THR A 351 18.49 -25.10 -17.19
N SER A 352 19.74 -24.64 -16.96
CA SER A 352 20.97 -25.48 -16.82
C SER A 352 20.94 -26.29 -15.52
N PRO A 353 21.12 -25.67 -14.32
CA PRO A 353 21.50 -24.27 -14.17
C PRO A 353 23.01 -24.03 -14.20
N GLN A 361 22.59 -16.60 -0.87
CA GLN A 361 21.63 -15.72 -1.59
C GLN A 361 21.14 -14.61 -0.64
N VAL A 362 21.75 -13.42 -0.69
CA VAL A 362 21.17 -12.15 -0.15
C VAL A 362 19.89 -11.85 -0.95
N ARG A 363 18.87 -11.27 -0.31
CA ARG A 363 17.73 -10.63 -1.03
C ARG A 363 18.32 -9.55 -1.91
N PRO A 364 18.29 -9.71 -3.25
CA PRO A 364 18.85 -8.68 -4.13
C PRO A 364 18.21 -7.32 -3.80
N VAL A 365 18.99 -6.27 -4.02
CA VAL A 365 18.67 -4.86 -3.64
C VAL A 365 18.68 -4.03 -4.92
N CYS A 366 18.10 -2.84 -4.86
CA CYS A 366 18.12 -1.87 -5.99
C CYS A 366 19.55 -1.36 -6.19
N ASP A 367 20.09 -1.55 -7.39
CA ASP A 367 21.41 -1.01 -7.82
C ASP A 367 21.18 0.00 -8.96
N CYS A 368 19.96 0.50 -9.14
CA CYS A 368 19.62 1.43 -10.27
C CYS A 368 19.11 2.76 -9.77
N GLN A 369 18.88 2.92 -8.45
CA GLN A 369 18.38 4.19 -7.81
C GLN A 369 16.84 4.34 -7.95
N ALA A 370 16.27 4.00 -9.12
CA ALA A 370 14.88 4.32 -9.52
C ALA A 370 13.91 3.78 -8.47
N HIS A 371 14.11 2.52 -8.08
CA HIS A 371 13.21 1.74 -7.19
C HIS A 371 13.18 2.36 -5.79
N LEU A 372 14.19 3.15 -5.41
CA LEU A 372 14.27 3.80 -4.07
C LEU A 372 13.57 5.17 -4.09
N LEU A 373 13.36 5.76 -5.28
CA LEU A 373 12.78 7.13 -5.47
C LEU A 373 11.32 7.09 -5.93
N TRP A 374 10.95 6.05 -6.67
CA TRP A 374 9.62 5.84 -7.30
C TRP A 374 8.97 4.63 -6.64
N ASN A 375 7.85 4.82 -5.95
CA ASN A 375 7.02 3.69 -5.42
C ASN A 375 6.27 3.07 -6.62
N ARG A 376 5.67 1.88 -6.41
CA ARG A 376 5.02 1.02 -7.44
C ARG A 376 3.94 1.83 -8.17
N PRO A 377 3.02 2.52 -7.45
CA PRO A 377 2.04 3.37 -8.12
C PRO A 377 2.66 4.43 -9.03
N ARG A 378 3.81 4.99 -8.63
CA ARG A 378 4.46 6.11 -9.36
C ARG A 378 5.06 5.58 -10.69
N PHE A 379 5.73 4.43 -10.66
CA PHE A 379 6.17 3.71 -11.88
C PHE A 379 4.98 3.56 -12.82
N GLY A 380 3.88 3.00 -12.32
CA GLY A 380 2.62 2.83 -13.09
C GLY A 380 2.15 4.15 -13.69
N GLU A 381 2.21 5.21 -12.90
CA GLU A 381 1.77 6.56 -13.31
C GLU A 381 2.65 7.05 -14.46
N ILE A 382 3.96 6.92 -14.34
CA ILE A 382 4.93 7.45 -15.34
C ILE A 382 4.81 6.63 -16.63
N ASN A 383 4.46 5.35 -16.51
CA ASN A 383 4.36 4.39 -17.65
C ASN A 383 2.96 4.43 -18.31
N ASP A 384 2.14 5.43 -18.00
CA ASP A 384 0.79 5.61 -18.60
C ASP A 384 0.90 6.57 -19.79
N GLN A 385 1.00 6.00 -21.00
CA GLN A 385 1.22 6.73 -22.28
C GLN A 385 0.05 7.70 -22.56
N ASP A 386 -1.18 7.32 -22.19
CA ASP A 386 -2.37 8.19 -22.34
C ASP A 386 -2.19 9.43 -21.47
N ARG A 387 -1.76 9.24 -20.21
CA ARG A 387 -1.42 10.34 -19.27
C ARG A 387 -0.28 11.19 -19.89
N THR A 388 0.75 10.55 -20.42
CA THR A 388 1.90 11.32 -21.01
C THR A 388 1.36 12.12 -22.19
N ASP A 389 0.58 11.47 -23.08
CA ASP A 389 -0.09 12.08 -24.25
C ASP A 389 -0.91 13.30 -23.78
N HIS A 390 -1.67 13.15 -22.68
CA HIS A 390 -2.57 14.22 -22.17
C HIS A 390 -1.70 15.39 -21.70
N TYR A 391 -0.52 15.13 -21.13
CA TYR A 391 0.45 16.17 -20.69
C TYR A 391 1.17 16.77 -21.91
N ALA A 392 1.52 15.95 -22.91
CA ALA A 392 2.12 16.41 -24.19
C ALA A 392 1.22 17.48 -24.84
N GLN A 393 -0.07 17.17 -25.03
CA GLN A 393 -1.04 18.06 -25.72
C GLN A 393 -1.20 19.36 -24.91
N ALA A 394 -1.22 19.28 -23.57
CA ALA A 394 -1.19 20.46 -22.68
C ALA A 394 0.03 21.35 -22.98
N LEU A 395 1.18 20.74 -23.30
CA LEU A 395 2.47 21.48 -23.51
C LEU A 395 2.45 22.15 -24.89
N ARG A 396 2.03 21.44 -25.94
CA ARG A 396 1.92 21.97 -27.33
C ARG A 396 1.13 23.28 -27.32
N THR A 397 0.11 23.37 -26.45
CA THR A 397 -0.79 24.54 -26.25
C THR A 397 0.00 25.75 -25.74
N VAL A 398 0.71 25.59 -24.61
CA VAL A 398 1.20 26.72 -23.76
C VAL A 398 2.69 27.03 -24.07
N LEU A 399 3.31 26.27 -24.99
CA LEU A 399 4.72 26.47 -25.47
C LEU A 399 4.74 27.49 -26.60
N LEU A 400 4.63 28.78 -26.27
CA LEU A 400 4.90 29.90 -27.21
C LEU A 400 6.30 29.69 -27.78
N PRO A 401 6.59 30.18 -29.01
CA PRO A 401 7.94 30.11 -29.54
C PRO A 401 8.96 30.65 -28.52
N GLY A 402 10.06 29.91 -28.33
CA GLY A 402 11.25 30.32 -27.54
C GLY A 402 10.95 30.53 -26.06
N SER A 403 10.12 29.66 -25.45
CA SER A 403 9.71 29.76 -24.02
C SER A 403 10.80 29.18 -23.10
N VAL A 404 10.95 29.75 -21.90
CA VAL A 404 11.95 29.34 -20.88
C VAL A 404 11.22 28.61 -19.74
N CYS A 405 11.32 27.27 -19.71
CA CYS A 405 10.59 26.36 -18.77
C CYS A 405 11.41 26.10 -17.51
N LEU A 406 10.79 26.31 -16.34
CA LEU A 406 11.17 25.70 -15.04
C LEU A 406 10.18 24.59 -14.72
N CYS A 407 10.66 23.36 -14.54
CA CYS A 407 9.83 22.16 -14.22
C CYS A 407 9.99 21.82 -12.75
N VAL A 408 8.87 21.75 -12.02
CA VAL A 408 8.83 21.46 -10.56
C VAL A 408 7.89 20.27 -10.32
N SER A 409 8.45 19.20 -9.76
CA SER A 409 7.84 17.86 -9.53
C SER A 409 8.98 16.86 -9.43
N ASP A 410 8.92 15.94 -8.45
CA ASP A 410 10.02 15.00 -8.14
C ASP A 410 10.04 13.93 -9.24
N GLY A 411 11.21 13.56 -9.75
CA GLY A 411 11.38 12.49 -10.77
C GLY A 411 10.34 12.55 -11.89
N SER A 412 10.22 13.71 -12.53
CA SER A 412 9.22 14.02 -13.58
C SER A 412 9.88 13.94 -14.96
N LEU A 413 9.14 13.49 -15.97
CA LEU A 413 9.58 13.42 -17.38
C LEU A 413 9.13 14.68 -18.15
N LEU A 414 8.35 15.55 -17.51
CA LEU A 414 7.81 16.79 -18.17
C LEU A 414 8.94 17.56 -18.84
N SER A 415 10.06 17.74 -18.15
CA SER A 415 11.24 18.50 -18.65
C SER A 415 11.66 17.94 -20.03
N MET A 416 11.68 16.62 -20.20
CA MET A 416 12.08 15.96 -21.46
C MET A 416 11.02 16.16 -22.55
N LEU A 417 9.75 16.11 -22.18
CA LEU A 417 8.60 16.42 -23.06
C LEU A 417 8.71 17.86 -23.51
N ALA A 418 8.94 18.78 -22.58
CA ALA A 418 9.03 20.22 -22.84
C ALA A 418 10.08 20.46 -23.93
N HIS A 419 11.24 19.86 -23.77
CA HIS A 419 12.37 20.11 -24.68
C HIS A 419 12.05 19.49 -26.05
N HIS A 420 11.52 18.27 -26.08
CA HIS A 420 11.16 17.53 -27.32
C HIS A 420 10.08 18.29 -28.11
N LEU A 421 9.37 19.24 -27.46
CA LEU A 421 8.20 19.97 -28.03
C LEU A 421 8.56 21.44 -28.30
N GLY A 422 9.85 21.80 -28.20
CA GLY A 422 10.43 23.02 -28.81
C GLY A 422 10.75 24.13 -27.81
N ALA A 423 10.83 23.83 -26.51
CA ALA A 423 11.29 24.80 -25.48
C ALA A 423 12.67 25.33 -25.87
N GLU A 424 12.91 26.64 -25.69
CA GLU A 424 14.23 27.27 -25.94
C GLU A 424 15.23 26.76 -24.90
N GLN A 425 14.82 26.72 -23.62
CA GLN A 425 15.65 26.18 -22.51
C GLN A 425 14.77 25.62 -21.38
N VAL A 426 15.24 24.51 -20.78
CA VAL A 426 14.55 23.76 -19.69
C VAL A 426 15.45 23.74 -18.45
N PHE A 427 14.99 24.35 -17.36
CA PHE A 427 15.49 24.15 -15.98
C PHE A 427 14.56 23.17 -15.27
N THR A 428 15.12 22.26 -14.46
CA THR A 428 14.35 21.32 -13.62
C THR A 428 14.92 21.30 -12.20
N VAL A 429 14.08 21.05 -11.19
CA VAL A 429 14.52 20.99 -9.78
C VAL A 429 14.45 19.55 -9.31
N GLU A 430 15.55 19.02 -8.79
CA GLU A 430 15.58 17.74 -8.05
C GLU A 430 16.21 18.01 -6.68
N SER A 431 15.44 17.84 -5.60
CA SER A 431 15.76 18.40 -4.26
C SER A 431 16.59 17.38 -3.43
N SER A 432 16.77 16.16 -3.92
CA SER A 432 17.74 15.19 -3.37
C SER A 432 18.80 14.86 -4.43
N VAL A 433 19.99 14.47 -3.97
CA VAL A 433 21.15 14.05 -4.79
C VAL A 433 20.80 12.76 -5.54
N ALA A 434 20.14 11.82 -4.86
CA ALA A 434 19.74 10.52 -5.45
C ALA A 434 18.88 10.83 -6.69
N SER A 435 17.98 11.79 -6.57
CA SER A 435 16.98 12.13 -7.62
C SER A 435 17.64 12.96 -8.73
N TYR A 436 18.53 13.87 -8.33
CA TYR A 436 19.40 14.66 -9.23
C TYR A 436 20.14 13.69 -10.14
N ARG A 437 20.74 12.67 -9.55
CA ARG A 437 21.63 11.75 -10.27
C ARG A 437 20.82 10.85 -11.21
N LEU A 438 19.62 10.43 -10.78
CA LEU A 438 18.80 9.51 -11.59
C LEU A 438 18.29 10.27 -12.82
N MET A 439 17.83 11.51 -12.62
CA MET A 439 17.32 12.36 -13.72
C MET A 439 18.46 12.66 -14.70
N LYS A 440 19.66 12.98 -14.21
CA LYS A 440 20.84 13.25 -15.09
C LYS A 440 21.13 11.99 -15.92
N ARG A 441 21.00 10.82 -15.29
CA ARG A 441 21.24 9.50 -15.93
C ARG A 441 20.26 9.30 -17.11
N ILE A 442 18.98 9.64 -16.91
CA ILE A 442 17.91 9.45 -17.94
C ILE A 442 18.15 10.46 -19.07
N PHE A 443 18.52 11.69 -18.71
CA PHE A 443 18.88 12.75 -19.67
C PHE A 443 20.05 12.23 -20.53
N LYS A 444 21.09 11.73 -19.88
CA LYS A 444 22.36 11.32 -20.53
C LYS A 444 22.09 10.24 -21.59
N VAL A 445 21.41 9.15 -21.23
CA VAL A 445 21.19 7.98 -22.14
C VAL A 445 20.27 8.39 -23.29
N ASN A 446 19.54 9.49 -23.14
CA ASN A 446 18.67 10.06 -24.20
C ASN A 446 19.36 11.27 -24.85
N HIS A 447 20.67 11.44 -24.61
CA HIS A 447 21.51 12.47 -25.27
C HIS A 447 20.93 13.87 -25.08
N LEU A 448 20.30 14.17 -23.93
CA LEU A 448 19.78 15.52 -23.60
C LEU A 448 20.56 16.12 -22.43
N GLU A 449 21.75 15.59 -22.12
CA GLU A 449 22.52 15.96 -20.90
C GLU A 449 22.90 17.45 -20.95
N ASP A 450 22.97 18.04 -22.13
CA ASP A 450 23.40 19.46 -22.31
C ASP A 450 22.17 20.30 -22.68
N LYS A 451 20.99 19.70 -22.75
CA LYS A 451 19.74 20.42 -23.14
C LYS A 451 18.86 20.72 -21.92
N ILE A 452 19.11 20.07 -20.76
CA ILE A 452 18.28 20.25 -19.51
C ILE A 452 19.19 20.48 -18.32
N SER A 453 19.04 21.62 -17.65
CA SER A 453 19.70 21.96 -16.38
C SER A 453 18.86 21.47 -15.19
N VAL A 454 19.45 20.61 -14.37
CA VAL A 454 18.93 20.20 -13.04
C VAL A 454 19.50 21.15 -12.00
N ILE A 455 18.63 21.76 -11.19
CA ILE A 455 19.02 22.54 -10.00
C ILE A 455 18.81 21.64 -8.76
N ASN A 456 19.87 21.36 -8.03
CA ASN A 456 19.82 20.53 -6.80
C ASN A 456 19.58 21.45 -5.59
N LYS A 457 18.38 22.00 -5.44
CA LYS A 457 17.96 22.73 -4.21
C LYS A 457 16.48 22.47 -3.93
N ARG A 458 16.00 22.89 -2.77
CA ARG A 458 14.56 23.08 -2.51
C ARG A 458 14.05 24.12 -3.51
N PRO A 459 13.00 23.79 -4.29
CA PRO A 459 12.57 24.64 -5.39
C PRO A 459 12.22 26.08 -4.97
N GLU A 460 11.66 26.28 -3.78
CA GLU A 460 11.31 27.64 -3.25
C GLU A 460 12.57 28.49 -3.04
N LEU A 461 13.76 27.88 -2.85
CA LEU A 461 15.03 28.58 -2.46
C LEU A 461 15.89 28.88 -3.71
N LEU A 462 15.28 28.74 -4.88
CA LEU A 462 15.94 28.85 -6.20
C LEU A 462 16.37 30.31 -6.43
N THR A 463 17.48 30.51 -7.15
CA THR A 463 18.10 31.84 -7.40
C THR A 463 18.08 32.22 -8.89
N ALA A 464 18.39 33.49 -9.17
CA ALA A 464 18.52 34.07 -10.51
C ALA A 464 19.65 33.36 -11.27
N ALA A 465 20.76 33.09 -10.59
CA ALA A 465 21.94 32.37 -11.15
C ALA A 465 21.59 30.91 -11.50
N ASP A 466 20.66 30.26 -10.79
CA ASP A 466 20.24 28.88 -11.12
C ASP A 466 19.53 28.87 -12.48
N LEU A 467 18.90 29.99 -12.83
CA LEU A 467 18.22 30.18 -14.12
C LEU A 467 19.15 30.88 -15.11
N GLU A 468 20.43 31.01 -14.78
CA GLU A 468 21.45 31.63 -15.67
C GLU A 468 20.95 33.03 -16.06
N GLY A 469 20.32 33.75 -15.13
CA GLY A 469 19.84 35.13 -15.32
C GLY A 469 18.61 35.24 -16.21
N LYS A 470 18.16 34.13 -16.81
CA LYS A 470 17.00 34.13 -17.72
C LYS A 470 15.74 34.13 -16.85
N LYS A 471 14.64 34.62 -17.40
CA LYS A 471 13.33 34.70 -16.73
C LYS A 471 12.49 33.53 -17.21
N VAL A 472 11.55 33.07 -16.38
CA VAL A 472 10.72 31.88 -16.67
C VAL A 472 9.42 32.34 -17.30
N SER A 473 9.18 31.96 -18.56
CA SER A 473 7.93 32.25 -19.32
C SER A 473 6.88 31.16 -19.03
N LEU A 474 7.31 30.01 -18.48
CA LEU A 474 6.47 28.80 -18.32
C LEU A 474 6.97 27.95 -17.13
N LEU A 475 6.38 28.16 -15.97
CA LEU A 475 6.53 27.27 -14.79
C LEU A 475 5.56 26.12 -14.97
N LEU A 476 6.03 24.88 -14.98
CA LEU A 476 5.14 23.71 -15.17
C LEU A 476 5.50 22.56 -14.22
N GLY A 477 4.54 21.68 -14.00
CA GLY A 477 4.63 20.52 -13.09
C GLY A 477 3.51 19.56 -13.38
N GLU A 478 3.41 18.46 -12.63
CA GLU A 478 2.34 17.46 -12.80
C GLU A 478 1.06 17.93 -12.08
N PRO A 479 1.09 18.43 -10.82
CA PRO A 479 2.27 18.40 -9.95
C PRO A 479 2.34 17.09 -9.14
N PHE A 480 3.56 16.63 -8.84
CA PHE A 480 3.82 15.41 -8.03
C PHE A 480 5.04 15.64 -7.17
N PHE A 481 4.96 15.32 -5.87
CA PHE A 481 6.11 15.32 -4.95
C PHE A 481 6.10 13.98 -4.19
N THR A 482 7.27 13.38 -4.03
CA THR A 482 7.49 12.07 -3.40
C THR A 482 6.75 11.97 -2.04
N THR A 483 6.78 13.03 -1.21
CA THR A 483 6.39 12.99 0.23
C THR A 483 4.91 13.30 0.40
N SER A 484 4.23 13.71 -0.67
CA SER A 484 2.77 13.94 -0.69
C SER A 484 2.04 12.65 -0.33
N LEU A 485 1.22 12.67 0.74
CA LEU A 485 0.42 11.50 1.23
C LEU A 485 -1.05 11.73 0.90
N LEU A 486 -1.51 12.97 0.98
CA LEU A 486 -2.88 13.40 0.62
C LEU A 486 -2.81 14.16 -0.69
N PRO A 487 -3.89 14.19 -1.50
CA PRO A 487 -3.85 14.84 -2.81
C PRO A 487 -3.43 16.33 -2.79
N TRP A 488 -3.81 17.07 -1.76
CA TRP A 488 -3.57 18.54 -1.70
C TRP A 488 -2.12 18.83 -1.28
N HIS A 489 -1.38 17.86 -0.76
CA HIS A 489 0.08 18.04 -0.48
C HIS A 489 0.77 18.51 -1.76
N ASN A 490 0.25 18.16 -2.94
CA ASN A 490 0.88 18.54 -4.24
C ASN A 490 0.65 20.05 -4.53
N LEU A 491 -0.13 20.74 -3.70
CA LEU A 491 -0.26 22.23 -3.73
C LEU A 491 1.08 22.87 -3.32
N TYR A 492 2.02 22.10 -2.80
CA TYR A 492 3.43 22.54 -2.62
C TYR A 492 3.91 23.18 -3.93
N PHE A 493 3.41 22.72 -5.07
CA PHE A 493 3.69 23.31 -6.41
C PHE A 493 3.33 24.79 -6.41
N TRP A 494 2.14 25.11 -5.87
CA TRP A 494 1.57 26.47 -5.79
C TRP A 494 2.43 27.34 -4.87
N TYR A 495 2.83 26.83 -3.72
CA TYR A 495 3.74 27.51 -2.77
C TYR A 495 5.04 27.85 -3.49
N VAL A 496 5.63 26.87 -4.18
CA VAL A 496 6.87 27.08 -4.98
C VAL A 496 6.61 28.21 -6.00
N ARG A 497 5.49 28.16 -6.70
CA ARG A 497 5.11 29.18 -7.72
C ARG A 497 5.08 30.57 -7.07
N THR A 498 4.54 30.66 -5.87
CA THR A 498 4.53 31.90 -5.06
C THR A 498 5.97 32.33 -4.76
N SER A 499 6.77 31.43 -4.17
CA SER A 499 8.11 31.70 -3.61
C SER A 499 9.06 32.24 -4.70
N VAL A 500 8.82 31.90 -5.96
CA VAL A 500 9.73 32.20 -7.11
C VAL A 500 9.10 33.23 -8.05
N ASP A 501 8.09 33.98 -7.58
CA ASP A 501 7.40 35.03 -8.36
C ASP A 501 8.44 35.92 -9.06
N GLN A 502 9.39 36.45 -8.28
CA GLN A 502 10.41 37.44 -8.75
C GLN A 502 11.21 36.91 -9.95
N HIS A 503 11.21 35.59 -10.22
CA HIS A 503 12.00 34.92 -11.31
C HIS A 503 11.12 34.67 -12.55
N LEU A 504 9.82 34.94 -12.43
CA LEU A 504 8.83 34.78 -13.50
C LEU A 504 8.83 36.03 -14.39
N ALA A 505 9.04 35.84 -15.70
CA ALA A 505 8.81 36.85 -16.77
C ALA A 505 7.39 37.37 -16.68
N PRO A 506 7.15 38.67 -16.99
CA PRO A 506 5.77 39.17 -17.08
C PRO A 506 4.97 38.35 -18.10
N GLY A 507 3.66 38.18 -17.83
CA GLY A 507 2.78 37.27 -18.59
C GLY A 507 3.34 35.85 -18.60
N ALA A 508 3.87 35.40 -17.47
CA ALA A 508 4.31 34.00 -17.25
C ALA A 508 3.08 33.10 -17.12
N VAL A 509 3.00 32.06 -17.95
CA VAL A 509 1.93 31.02 -17.92
C VAL A 509 2.34 29.96 -16.90
N VAL A 510 1.39 29.48 -16.12
CA VAL A 510 1.56 28.34 -15.20
C VAL A 510 0.72 27.17 -15.73
N MET A 511 1.18 25.95 -15.46
CA MET A 511 0.64 24.68 -16.04
C MET A 511 0.95 23.56 -15.06
N PRO A 512 -0.02 23.13 -14.22
CA PRO A 512 -1.41 23.58 -14.31
C PRO A 512 -1.67 25.07 -14.06
N GLN A 513 -2.65 25.65 -14.76
CA GLN A 513 -3.09 27.07 -14.57
C GLN A 513 -3.94 27.17 -13.31
N ALA A 514 -4.68 26.11 -12.98
CA ALA A 514 -5.50 26.03 -11.76
C ALA A 514 -5.71 24.57 -11.34
N ALA A 515 -6.22 24.37 -10.13
CA ALA A 515 -6.50 23.07 -9.50
C ALA A 515 -7.68 23.22 -8.55
N SER A 516 -8.42 22.15 -8.31
CA SER A 516 -9.66 22.17 -7.51
C SER A 516 -9.74 20.94 -6.62
N LEU A 517 -10.09 21.15 -5.36
CA LEU A 517 -10.52 20.06 -4.44
C LEU A 517 -11.97 19.68 -4.75
N HIS A 518 -12.20 18.41 -5.09
CA HIS A 518 -13.52 17.80 -5.38
C HIS A 518 -13.86 16.75 -4.30
N ALA A 519 -15.16 16.65 -3.95
CA ALA A 519 -15.72 15.63 -3.03
C ALA A 519 -16.95 14.95 -3.66
N VAL A 520 -17.25 13.76 -3.15
CA VAL A 520 -18.45 12.94 -3.47
C VAL A 520 -18.70 12.04 -2.26
N ILE A 521 -19.95 11.93 -1.80
CA ILE A 521 -20.34 11.01 -0.70
C ILE A 521 -20.61 9.62 -1.32
N VAL A 522 -20.16 8.56 -0.66
CA VAL A 522 -20.09 7.19 -1.25
C VAL A 522 -20.59 6.18 -0.25
N GLU A 523 -21.03 5.03 -0.77
CA GLU A 523 -21.28 3.77 -0.04
C GLU A 523 -20.18 2.77 -0.40
N PHE A 524 -19.46 2.28 0.59
CA PHE A 524 -18.37 1.27 0.42
C PHE A 524 -18.98 -0.11 0.47
N ARG A 525 -18.61 -0.95 -0.50
CA ARG A 525 -18.88 -2.41 -0.49
C ARG A 525 -18.42 -2.99 0.85
N ASP A 526 -17.22 -2.60 1.34
CA ASP A 526 -16.47 -3.35 2.39
C ASP A 526 -15.70 -2.42 3.35
N LEU A 527 -15.13 -1.31 2.87
CA LEU A 527 -13.99 -0.57 3.53
C LEU A 527 -14.45 0.07 4.87
N TRP A 528 -15.75 0.35 5.03
CA TRP A 528 -16.39 0.89 6.27
C TRP A 528 -15.86 0.15 7.50
N ARG A 529 -15.65 -1.17 7.39
CA ARG A 529 -15.23 -2.09 8.48
C ARG A 529 -13.85 -1.67 9.04
N ILE A 530 -13.02 -0.97 8.25
CA ILE A 530 -11.69 -0.43 8.67
C ILE A 530 -11.89 0.61 9.79
N ARG A 531 -13.03 1.29 9.82
CA ARG A 531 -13.39 2.29 10.87
C ARG A 531 -14.91 2.24 11.13
N SER A 532 -15.38 1.15 11.72
CA SER A 532 -16.79 0.92 12.18
C SER A 532 -16.78 0.07 13.45
N PRO A 533 -17.10 0.66 14.63
CA PRO A 533 -16.86 -0.03 15.90
C PRO A 533 -17.63 -1.36 16.00
N CYS A 534 -16.96 -2.43 16.43
CA CYS A 534 -17.56 -3.79 16.62
C CYS A 534 -18.46 -3.77 17.88
N GLY A 535 -17.89 -3.37 19.03
CA GLY A 535 -18.63 -3.17 20.30
C GLY A 535 -18.96 -4.48 21.00
N ASP A 536 -19.41 -5.48 20.23
CA ASP A 536 -19.57 -6.90 20.68
C ASP A 536 -18.84 -7.81 19.69
N CYS A 537 -17.92 -8.63 20.19
CA CYS A 537 -17.07 -9.55 19.41
C CYS A 537 -17.23 -10.99 19.96
N GLU A 538 -18.16 -11.75 19.37
CA GLU A 538 -18.42 -13.19 19.68
C GLU A 538 -18.98 -13.35 21.12
N GLY A 539 -19.61 -12.31 21.69
CA GLY A 539 -20.18 -12.31 23.07
C GLY A 539 -19.26 -11.59 24.07
N PHE A 540 -18.05 -11.22 23.65
CA PHE A 540 -17.06 -10.50 24.47
C PHE A 540 -17.20 -9.00 24.18
N ASP A 541 -17.15 -8.23 25.25
CA ASP A 541 -17.32 -6.76 25.27
C ASP A 541 -15.93 -6.15 25.03
N VAL A 542 -15.70 -5.58 23.86
CA VAL A 542 -14.44 -4.86 23.52
C VAL A 542 -14.77 -3.36 23.33
N HIS A 543 -15.89 -2.87 23.89
CA HIS A 543 -16.38 -1.46 23.82
C HIS A 543 -15.24 -0.50 24.21
N ILE A 544 -14.38 -0.90 25.15
CA ILE A 544 -13.23 -0.09 25.67
C ILE A 544 -12.23 0.15 24.51
N MET A 545 -12.28 -0.70 23.48
CA MET A 545 -11.49 -0.55 22.22
C MET A 545 -12.26 0.35 21.24
N ASP A 546 -13.52 0.01 20.96
CA ASP A 546 -14.44 0.75 20.04
C ASP A 546 -14.90 2.04 20.73
N SER A 558 -11.02 18.21 15.05
CA SER A 558 -11.30 17.82 13.65
C SER A 558 -10.72 16.42 13.36
N ARG A 559 -11.27 15.73 12.36
CA ARG A 559 -10.96 14.31 12.00
C ARG A 559 -10.11 14.32 10.71
N GLU A 560 -8.88 13.77 10.75
CA GLU A 560 -7.96 13.73 9.58
C GLU A 560 -8.48 12.72 8.55
N ALA A 561 -8.79 13.17 7.33
CA ALA A 561 -9.08 12.31 6.15
C ALA A 561 -7.90 11.37 5.89
N GLU A 562 -8.18 10.12 5.50
CA GLU A 562 -7.19 9.03 5.29
C GLU A 562 -6.95 8.84 3.79
N PRO A 563 -5.69 8.73 3.32
CA PRO A 563 -5.44 8.35 1.92
C PRO A 563 -5.61 6.84 1.69
N HIS A 564 -6.22 6.46 0.58
CA HIS A 564 -6.51 5.04 0.23
C HIS A 564 -6.55 4.89 -1.29
N PRO A 565 -6.03 3.78 -1.85
CA PRO A 565 -6.12 3.54 -3.29
C PRO A 565 -7.47 2.88 -3.64
N LEU A 566 -8.50 3.70 -3.84
CA LEU A 566 -9.91 3.27 -3.95
C LEU A 566 -10.18 2.41 -5.21
N TRP A 567 -9.27 2.35 -6.18
CA TRP A 567 -9.37 1.33 -7.29
C TRP A 567 -9.45 -0.08 -6.68
N GLU A 568 -8.90 -0.27 -5.48
CA GLU A 568 -8.86 -1.58 -4.77
C GLU A 568 -10.06 -1.73 -3.81
N TYR A 569 -10.88 -0.71 -3.65
CA TYR A 569 -11.92 -0.72 -2.58
C TYR A 569 -13.26 -0.28 -3.15
N PRO A 570 -13.99 -1.19 -3.84
CA PRO A 570 -15.18 -0.80 -4.59
C PRO A 570 -16.17 -0.01 -3.72
N CYS A 571 -16.78 1.01 -4.30
CA CYS A 571 -17.79 1.86 -3.65
C CYS A 571 -18.68 2.49 -4.72
N ARG A 572 -19.83 3.03 -4.33
CA ARG A 572 -20.75 3.74 -5.26
C ARG A 572 -21.11 5.12 -4.66
N SER A 573 -21.30 6.07 -5.57
CA SER A 573 -21.58 7.49 -5.27
C SER A 573 -23.05 7.64 -4.83
N LEU A 574 -23.27 8.34 -3.73
CA LEU A 574 -24.63 8.64 -3.21
C LEU A 574 -24.98 10.08 -3.59
N SER A 575 -24.08 11.03 -3.39
CA SER A 575 -24.21 12.44 -3.86
C SER A 575 -23.77 12.54 -5.33
N LYS A 576 -23.93 13.73 -5.92
CA LYS A 576 -23.21 14.17 -7.14
C LYS A 576 -21.85 14.71 -6.71
N PRO A 577 -20.79 14.61 -7.56
CA PRO A 577 -19.50 15.24 -7.26
C PRO A 577 -19.58 16.78 -7.23
N GLN A 578 -19.15 17.40 -6.13
CA GLN A 578 -19.19 18.88 -5.92
C GLN A 578 -17.76 19.42 -5.82
N GLU A 579 -17.42 20.47 -6.58
CA GLU A 579 -16.19 21.28 -6.43
C GLU A 579 -16.24 22.03 -5.09
N ILE A 580 -15.22 21.88 -4.25
CA ILE A 580 -15.21 22.36 -2.82
C ILE A 580 -14.33 23.63 -2.70
N LEU A 581 -13.10 23.60 -3.21
CA LEU A 581 -12.22 24.81 -3.32
C LEU A 581 -11.58 24.83 -4.70
N THR A 582 -11.33 26.03 -5.24
CA THR A 582 -10.59 26.24 -6.51
C THR A 582 -9.33 27.03 -6.18
N PHE A 583 -8.20 26.63 -6.77
CA PHE A 583 -6.86 27.21 -6.55
C PHE A 583 -6.37 27.78 -7.88
N ASP A 584 -6.09 29.08 -7.91
CA ASP A 584 -5.64 29.81 -9.12
C ASP A 584 -4.11 29.90 -9.05
N PHE A 585 -3.42 28.97 -9.72
CA PHE A 585 -1.94 28.85 -9.72
C PHE A 585 -1.34 30.09 -10.41
N GLN A 586 -2.11 30.70 -11.30
CA GLN A 586 -1.66 31.84 -12.14
C GLN A 586 -1.33 33.02 -11.23
N GLN A 587 -1.92 33.08 -10.02
CA GLN A 587 -1.66 34.13 -8.99
C GLN A 587 -0.94 33.52 -7.79
N PRO A 588 -0.27 34.34 -6.97
CA PRO A 588 0.24 33.90 -5.66
C PRO A 588 -0.84 33.33 -4.73
N ILE A 589 -0.39 32.64 -3.68
CA ILE A 589 -1.23 32.14 -2.56
C ILE A 589 -1.68 33.33 -1.73
N PRO A 590 -3.01 33.55 -1.61
CA PRO A 590 -3.54 34.52 -0.65
C PRO A 590 -3.17 34.11 0.77
N GLN A 591 -2.57 35.04 1.54
CA GLN A 591 -1.99 34.79 2.89
C GLN A 591 -3.11 34.80 3.94
N GLN A 592 -4.36 34.56 3.51
CA GLN A 592 -5.56 34.45 4.39
C GLN A 592 -6.30 33.14 4.07
N PRO A 593 -6.72 32.35 5.09
CA PRO A 593 -7.32 31.02 4.85
C PRO A 593 -8.58 31.05 3.96
N MET A 594 -8.67 30.11 3.01
CA MET A 594 -9.84 29.87 2.13
C MET A 594 -10.81 28.91 2.85
N GLN A 595 -12.02 29.40 3.18
CA GLN A 595 -13.13 28.58 3.77
C GLN A 595 -14.16 28.28 2.65
N SER A 596 -15.08 27.33 2.91
CA SER A 596 -16.22 26.98 2.02
C SER A 596 -17.17 26.04 2.76
N LYS A 597 -18.23 26.59 3.36
CA LYS A 597 -19.43 25.85 3.85
C LYS A 597 -20.18 25.34 2.62
N GLY A 598 -21.03 24.31 2.76
CA GLY A 598 -21.86 23.82 1.64
C GLY A 598 -22.66 22.56 1.95
N THR A 599 -23.55 22.19 1.03
CA THR A 599 -24.51 21.05 1.15
C THR A 599 -24.33 20.13 -0.05
N MET A 600 -24.35 18.82 0.18
CA MET A 600 -24.35 17.78 -0.87
C MET A 600 -25.59 16.90 -0.68
N GLU A 601 -26.52 16.96 -1.64
CA GLU A 601 -27.84 16.26 -1.60
C GLU A 601 -27.59 14.78 -1.95
N LEU A 602 -27.97 13.87 -1.05
CA LEU A 602 -27.83 12.40 -1.20
C LEU A 602 -28.99 11.88 -2.06
N THR A 603 -28.75 11.63 -3.36
CA THR A 603 -29.79 11.49 -4.43
C THR A 603 -30.11 10.02 -4.75
N ARG A 604 -29.23 9.07 -4.38
CA ARG A 604 -29.52 7.60 -4.44
C ARG A 604 -29.29 7.01 -3.06
N PRO A 605 -30.05 5.95 -2.65
CA PRO A 605 -30.03 5.50 -1.26
C PRO A 605 -28.82 4.60 -0.91
N GLY A 606 -28.58 4.38 0.38
CA GLY A 606 -27.48 3.54 0.92
C GLY A 606 -26.75 4.25 2.06
N LYS A 607 -26.10 3.50 2.96
CA LYS A 607 -25.35 4.07 4.12
C LYS A 607 -24.35 5.09 3.59
N SER A 608 -24.54 6.38 3.89
CA SER A 608 -23.56 7.45 3.62
C SER A 608 -22.31 7.16 4.47
N HIS A 609 -21.31 6.51 3.86
CA HIS A 609 -20.13 5.91 4.56
C HIS A 609 -19.02 6.95 4.74
N GLY A 610 -18.75 7.74 3.71
CA GLY A 610 -17.70 8.76 3.74
C GLY A 610 -17.79 9.74 2.59
N ALA A 611 -17.06 10.85 2.72
CA ALA A 611 -16.71 11.79 1.63
C ALA A 611 -15.32 11.42 1.10
N VAL A 612 -15.28 11.03 -0.17
CA VAL A 612 -14.02 10.79 -0.94
C VAL A 612 -13.61 12.11 -1.57
N LEU A 613 -12.42 12.61 -1.20
CA LEU A 613 -11.84 13.87 -1.73
C LEU A 613 -10.69 13.56 -2.71
N TRP A 614 -10.45 14.45 -3.64
CA TRP A 614 -9.42 14.28 -4.70
C TRP A 614 -9.16 15.63 -5.39
N MET A 615 -8.04 15.75 -6.10
CA MET A 615 -7.68 16.97 -6.85
C MET A 615 -8.07 16.77 -8.30
N GLU A 616 -8.48 17.84 -8.96
CA GLU A 616 -8.43 17.95 -10.43
C GLU A 616 -7.50 19.12 -10.76
N TYR A 617 -6.78 19.01 -11.87
CA TYR A 617 -5.81 20.03 -12.33
C TYR A 617 -6.31 20.51 -13.69
N GLN A 618 -6.58 21.80 -13.78
CA GLN A 618 -6.87 22.49 -15.05
C GLN A 618 -5.51 22.81 -15.68
N LEU A 619 -5.07 22.00 -16.64
CA LEU A 619 -3.74 22.14 -17.28
C LEU A 619 -3.75 23.42 -18.10
N THR A 620 -4.57 23.43 -19.16
CA THR A 620 -4.87 24.58 -20.05
C THR A 620 -6.38 24.83 -19.98
N PRO A 621 -6.91 25.87 -20.67
CA PRO A 621 -8.36 26.08 -20.71
C PRO A 621 -9.12 24.89 -21.34
N ASP A 622 -8.49 24.16 -22.25
CA ASP A 622 -9.14 23.09 -23.08
C ASP A 622 -8.83 21.70 -22.49
N SER A 623 -8.19 21.61 -21.31
CA SER A 623 -7.52 20.36 -20.80
C SER A 623 -7.56 20.28 -19.26
N THR A 624 -8.06 19.17 -18.73
CA THR A 624 -8.15 18.89 -17.29
C THR A 624 -7.79 17.41 -17.07
N ILE A 625 -7.39 17.06 -15.85
CA ILE A 625 -6.96 15.69 -15.47
C ILE A 625 -7.37 15.45 -14.00
N SER A 626 -7.83 14.24 -13.69
CA SER A 626 -8.41 13.87 -12.37
C SER A 626 -7.53 12.80 -11.68
N THR A 627 -7.23 13.02 -10.39
CA THR A 627 -6.58 12.06 -9.47
C THR A 627 -7.65 11.28 -8.69
N GLY A 628 -8.94 11.57 -8.92
CA GLY A 628 -10.11 10.91 -8.28
C GLY A 628 -11.00 10.17 -9.28
N LEU A 629 -12.29 10.55 -9.39
CA LEU A 629 -13.29 9.88 -10.27
C LEU A 629 -12.84 10.05 -11.72
N ILE A 630 -12.86 8.97 -12.54
CA ILE A 630 -12.51 8.98 -14.01
C ILE A 630 -13.78 8.88 -14.89
N ASN A 631 -14.93 8.48 -14.32
CA ASN A 631 -16.29 8.57 -14.96
C ASN A 631 -17.25 7.62 -14.24
N ASP A 638 -20.72 1.40 -9.56
CA ASP A 638 -19.43 1.51 -8.83
C ASP A 638 -18.58 2.67 -9.40
N CYS A 639 -18.11 3.58 -8.54
CA CYS A 639 -17.16 4.68 -8.89
C CYS A 639 -15.92 4.12 -9.59
N CYS A 640 -15.42 4.80 -10.63
CA CYS A 640 -14.11 4.51 -11.28
C CYS A 640 -13.06 5.52 -10.78
N TRP A 641 -11.97 4.99 -10.22
CA TRP A 641 -10.90 5.78 -9.56
C TRP A 641 -9.60 5.68 -10.35
N ASN A 642 -8.96 6.82 -10.64
CA ASN A 642 -7.54 6.88 -11.09
C ASN A 642 -6.74 5.92 -10.23
N PRO A 643 -6.15 4.87 -10.86
CA PRO A 643 -5.46 3.81 -10.13
C PRO A 643 -4.01 4.17 -9.74
N HIS A 644 -3.51 5.34 -10.18
CA HIS A 644 -2.13 5.84 -9.95
C HIS A 644 -2.01 6.64 -8.65
N CYS A 645 -3.09 7.18 -8.12
CA CYS A 645 -3.03 8.11 -6.96
C CYS A 645 -3.86 7.51 -5.84
N LYS A 646 -3.59 7.91 -4.61
CA LYS A 646 -4.47 7.70 -3.44
C LYS A 646 -5.46 8.86 -3.32
N GLN A 647 -6.74 8.56 -3.08
CA GLN A 647 -7.78 9.55 -2.74
C GLN A 647 -7.90 9.60 -1.22
N ALA A 648 -8.44 10.69 -0.67
CA ALA A 648 -8.67 10.89 0.78
C ALA A 648 -10.10 10.48 1.11
N VAL A 649 -10.28 9.70 2.16
CA VAL A 649 -11.62 9.30 2.67
C VAL A 649 -11.84 9.99 4.02
N TYR A 650 -12.94 10.71 4.17
CA TYR A 650 -13.51 11.16 5.47
C TYR A 650 -14.63 10.19 5.88
N PHE A 651 -14.40 9.42 6.93
CA PHE A 651 -15.40 8.50 7.53
C PHE A 651 -16.37 9.33 8.39
N LEU A 652 -17.67 9.13 8.16
CA LEU A 652 -18.78 9.86 8.85
C LEU A 652 -19.13 9.16 10.16
N SER A 653 -19.91 9.84 11.03
CA SER A 653 -20.22 9.43 12.42
N ARG A 666 -30.94 12.73 3.63
CA ARG A 666 -31.08 13.10 2.19
C ARG A 666 -30.23 14.36 1.88
N SER A 667 -29.08 14.53 2.56
CA SER A 667 -28.10 15.62 2.34
C SER A 667 -26.98 15.58 3.40
N VAL A 668 -25.71 15.76 2.97
CA VAL A 668 -24.52 15.93 3.86
C VAL A 668 -24.01 17.37 3.73
N SER A 669 -23.56 17.95 4.85
CA SER A 669 -23.08 19.36 4.97
C SER A 669 -21.60 19.33 5.36
N TYR A 670 -20.81 20.31 4.90
CA TYR A 670 -19.34 20.37 5.14
C TYR A 670 -18.88 21.79 5.45
N VAL A 671 -17.95 21.89 6.41
CA VAL A 671 -16.94 22.98 6.55
C VAL A 671 -15.57 22.42 6.12
N VAL A 672 -14.98 22.95 5.05
CA VAL A 672 -13.56 22.73 4.65
C VAL A 672 -12.82 24.08 4.69
N GLU A 673 -11.56 24.12 5.17
CA GLU A 673 -10.67 25.32 5.22
C GLU A 673 -9.24 24.94 4.79
N PHE A 674 -8.72 25.57 3.72
CA PHE A 674 -7.29 25.49 3.30
C PHE A 674 -6.49 26.57 4.05
N HIS A 675 -5.35 26.20 4.67
CA HIS A 675 -4.47 27.09 5.49
C HIS A 675 -3.17 27.39 4.73
N PRO A 676 -2.85 28.69 4.51
CA PRO A 676 -1.85 29.08 3.50
C PRO A 676 -0.38 28.87 3.94
N LEU A 677 -0.08 29.12 5.21
CA LEU A 677 1.28 28.98 5.80
C LEU A 677 1.76 27.52 5.73
N THR A 678 0.84 26.55 5.52
CA THR A 678 1.10 25.10 5.74
C THR A 678 0.72 24.27 4.50
N GLY A 679 -0.37 24.59 3.80
CA GLY A 679 -1.00 23.67 2.81
C GLY A 679 -1.99 22.69 3.46
N ASP A 680 -2.07 22.66 4.81
CA ASP A 680 -3.02 21.77 5.55
C ASP A 680 -4.45 22.14 5.17
N ILE A 681 -5.35 21.16 5.15
CA ILE A 681 -6.82 21.36 4.96
C ILE A 681 -7.57 20.64 6.09
N THR A 682 -8.26 21.40 6.94
CA THR A 682 -9.21 20.93 8.00
C THR A 682 -10.60 20.83 7.38
N MET A 683 -11.37 19.81 7.77
CA MET A 683 -12.70 19.53 7.18
C MET A 683 -13.58 18.78 8.19
N GLU A 684 -14.91 18.92 8.07
CA GLU A 684 -15.93 18.12 8.80
C GLU A 684 -17.06 17.82 7.81
N PHE A 685 -17.53 16.57 7.77
CA PHE A 685 -18.72 16.12 7.02
C PHE A 685 -19.74 15.52 8.01
N ARG A 686 -20.88 16.21 8.19
CA ARG A 686 -22.03 15.78 9.03
C ARG A 686 -23.21 15.43 8.09
N LEU A 687 -23.84 14.27 8.29
CA LEU A 687 -25.17 13.93 7.71
C LEU A 687 -26.19 14.96 8.21
N ALA A 688 -27.23 15.23 7.42
CA ALA A 688 -28.36 16.13 7.78
C ALA A 688 -29.56 15.85 6.87
#